data_6WBE
#
_entry.id   6WBE
#
_cell.length_a   26.230
_cell.length_b   60.450
_cell.length_c   81.639
_cell.angle_alpha   90.000
_cell.angle_beta   90.000
_cell.angle_gamma   90.000
#
_symmetry.space_group_name_H-M   'P 21 21 21'
#
loop_
_entity.id
_entity.type
_entity.pdbx_description
1 polymer Septin-1
2 non-polymer 'ZINC ION'
3 non-polymer 'ACETATE ION'
4 water water
#
_entity_poly.entity_id   1
_entity_poly.type   'polypeptide(L)'
_entity_poly.pdbx_seq_one_letter_code
;DTEKLIREKDEELRRMQEMLEKMQAQMQQS
;
_entity_poly.pdbx_strand_id   A,B,C,D
#
loop_
_chem_comp.id
_chem_comp.type
_chem_comp.name
_chem_comp.formula
ACT non-polymer 'ACETATE ION' 'C2 H3 O2 -1'
ZN non-polymer 'ZINC ION' 'Zn 2'
#
# COMPACT_ATOMS: atom_id res chain seq x y z
N ASP A 1 -9.13 16.54 -8.53
CA ASP A 1 -9.71 15.75 -7.46
C ASP A 1 -8.64 15.08 -6.62
N THR A 2 -8.71 15.21 -5.31
CA THR A 2 -7.62 14.75 -4.48
C THR A 2 -7.61 13.24 -4.35
N GLU A 3 -8.77 12.61 -4.19
CA GLU A 3 -8.77 11.15 -4.14
C GLU A 3 -8.33 10.58 -5.48
N LYS A 4 -8.73 11.18 -6.59
CA LYS A 4 -8.30 10.64 -7.87
C LYS A 4 -6.80 10.81 -8.06
N LEU A 5 -6.24 11.91 -7.56
CA LEU A 5 -4.79 12.13 -7.68
C LEU A 5 -4.02 11.11 -6.86
N ILE A 6 -4.47 10.85 -5.63
CA ILE A 6 -3.74 9.85 -4.85
C ILE A 6 -3.82 8.53 -5.57
N ARG A 7 -5.02 8.19 -6.06
CA ARG A 7 -5.26 6.89 -6.69
C ARG A 7 -4.46 6.74 -7.96
N GLU A 8 -4.43 7.76 -8.81
CA GLU A 8 -3.65 7.60 -10.02
C GLU A 8 -2.17 7.46 -9.70
N LYS A 9 -1.66 8.24 -8.76
CA LYS A 9 -0.24 8.10 -8.46
C LYS A 9 0.08 6.76 -7.82
N ASP A 10 -0.79 6.32 -6.90
CA ASP A 10 -0.57 5.04 -6.25
C ASP A 10 -0.56 3.89 -7.25
N GLU A 11 -1.47 3.92 -8.24
CA GLU A 11 -1.48 2.87 -9.26
C GLU A 11 -0.21 2.92 -10.09
N GLU A 12 0.30 4.10 -10.38
CA GLU A 12 1.54 4.14 -11.12
C GLU A 12 2.64 3.52 -10.26
N LEU A 13 2.65 3.81 -8.95
CA LEU A 13 3.69 3.18 -8.16
C LEU A 13 3.53 1.67 -8.12
N ARG A 14 2.30 1.19 -8.08
CA ARG A 14 2.07 -0.24 -8.06
C ARG A 14 2.54 -0.86 -9.35
N ARG A 15 2.27 -0.21 -10.47
CA ARG A 15 2.68 -0.77 -11.74
C ARG A 15 4.20 -0.82 -11.82
N MET A 16 4.88 0.19 -11.27
CA MET A 16 6.35 0.16 -11.28
C MET A 16 6.88 -0.96 -10.38
N GLN A 17 6.29 -1.17 -9.21
CA GLN A 17 6.77 -2.25 -8.35
C GLN A 17 6.66 -3.59 -9.08
N GLU A 18 5.55 -3.82 -9.76
CA GLU A 18 5.35 -5.06 -10.49
C GLU A 18 6.39 -5.24 -11.60
N MET A 19 6.74 -4.15 -12.28
CA MET A 19 7.75 -4.20 -13.33
C MET A 19 9.09 -4.58 -12.76
N LEU A 20 9.48 -3.92 -11.66
CA LEU A 20 10.72 -4.27 -10.98
C LEU A 20 10.72 -5.72 -10.58
N GLU A 21 9.57 -6.20 -10.10
CA GLU A 21 9.49 -7.58 -9.69
C GLU A 21 9.71 -8.49 -10.89
N LYS A 22 9.07 -8.19 -12.02
CA LYS A 22 9.23 -8.98 -13.23
C LYS A 22 10.65 -8.88 -13.76
N MET A 23 11.28 -7.71 -13.62
CA MET A 23 12.69 -7.62 -14.03
C MET A 23 13.58 -8.47 -13.17
N GLN A 24 13.39 -8.45 -11.84
CA GLN A 24 14.33 -9.21 -11.02
C GLN A 24 14.21 -10.70 -11.32
N ALA A 25 12.97 -11.15 -11.56
CA ALA A 25 12.77 -12.56 -11.91
C ALA A 25 13.49 -12.91 -13.19
N GLN A 26 13.50 -12.00 -14.16
CA GLN A 26 14.20 -12.30 -15.41
C GLN A 26 15.67 -12.47 -15.18
N MET A 27 16.24 -11.70 -14.26
CA MET A 27 17.67 -11.86 -14.05
C MET A 27 18.00 -13.08 -13.18
N GLN A 28 17.01 -13.68 -12.51
CA GLN A 28 17.16 -15.00 -11.90
C GLN A 28 17.02 -16.09 -12.96
N GLN A 29 15.77 -16.47 -13.22
CA GLN A 29 15.45 -17.48 -14.21
C GLN A 29 15.23 -16.85 -15.58
N THR B 2 -18.02 0.97 15.72
CA THR B 2 -18.04 -0.25 14.91
C THR B 2 -17.58 0.03 13.49
N GLU B 3 -17.84 1.25 13.02
CA GLU B 3 -17.20 1.72 11.79
C GLU B 3 -15.69 1.78 11.99
N LYS B 4 -15.27 1.99 13.25
CA LYS B 4 -13.87 2.05 13.62
C LYS B 4 -13.14 0.73 13.40
N LEU B 5 -13.84 -0.42 13.44
CA LEU B 5 -13.10 -1.66 13.23
C LEU B 5 -12.48 -1.68 11.85
N ILE B 6 -13.20 -1.24 10.84
CA ILE B 6 -12.64 -1.26 9.49
C ILE B 6 -11.44 -0.34 9.39
N ARG B 7 -11.53 0.86 9.97
CA ARG B 7 -10.41 1.81 9.85
C ARG B 7 -9.19 1.30 10.59
N GLU B 8 -9.37 0.73 11.77
CA GLU B 8 -8.21 0.26 12.50
C GLU B 8 -7.53 -0.88 11.77
N LYS B 9 -8.31 -1.76 11.16
CA LYS B 9 -7.71 -2.89 10.44
C LYS B 9 -6.96 -2.41 9.22
N ASP B 10 -7.53 -1.44 8.53
CA ASP B 10 -6.86 -0.83 7.40
C ASP B 10 -5.51 -0.27 7.84
N GLU B 11 -5.51 0.45 8.95
CA GLU B 11 -4.23 0.98 9.45
C GLU B 11 -3.29 -0.13 9.85
N GLU B 12 -3.82 -1.16 10.49
CA GLU B 12 -2.94 -2.25 10.89
C GLU B 12 -2.34 -2.95 9.68
N LEU B 13 -3.12 -3.10 8.60
CA LEU B 13 -2.64 -3.71 7.37
C LEU B 13 -1.54 -2.87 6.72
N ARG B 14 -1.59 -1.56 6.91
CA ARG B 14 -0.58 -0.67 6.36
C ARG B 14 0.72 -0.87 7.15
N ARG B 15 0.59 -1.04 8.46
CA ARG B 15 1.76 -1.26 9.31
C ARG B 15 2.41 -2.63 9.06
N MET B 16 1.61 -3.66 8.78
CA MET B 16 2.17 -4.97 8.43
C MET B 16 2.94 -4.89 7.10
N GLN B 17 2.39 -4.20 6.12
CA GLN B 17 3.11 -3.98 4.85
C GLN B 17 4.45 -3.28 5.09
N GLU B 18 4.45 -2.22 5.90
CA GLU B 18 5.71 -1.46 6.10
C GLU B 18 6.79 -2.34 6.72
N MET B 19 6.40 -3.24 7.63
CA MET B 19 7.36 -4.16 8.23
C MET B 19 7.93 -5.14 7.21
N LEU B 20 7.07 -5.71 6.36
CA LEU B 20 7.54 -6.60 5.29
C LEU B 20 8.48 -5.89 4.33
N GLU B 21 8.14 -4.63 4.00
CA GLU B 21 8.94 -3.81 3.07
C GLU B 21 10.31 -3.49 3.66
N LYS B 22 10.38 -3.21 4.98
CA LYS B 22 11.66 -3.03 5.62
C LYS B 22 12.47 -4.31 5.60
N MET B 23 11.80 -5.44 5.81
CA MET B 23 12.47 -6.74 5.69
C MET B 23 12.98 -6.94 4.28
N GLN B 24 12.17 -6.60 3.28
CA GLN B 24 12.59 -6.75 1.89
C GLN B 24 13.76 -5.83 1.59
N ALA B 25 13.73 -4.61 2.12
CA ALA B 25 14.83 -3.65 1.92
C ALA B 25 16.13 -4.20 2.47
N GLN B 26 16.05 -4.98 3.55
CA GLN B 26 17.25 -5.59 4.09
C GLN B 26 17.86 -6.60 3.12
N MET B 27 17.03 -7.30 2.37
CA MET B 27 17.56 -8.19 1.35
C MET B 27 17.85 -7.49 0.01
N ASP C 1 17.95 5.87 -6.42
CA ASP C 1 17.76 4.43 -6.30
C ASP C 1 16.28 4.14 -6.38
N THR C 2 15.88 3.26 -7.30
CA THR C 2 14.49 3.29 -7.75
C THR C 2 13.54 2.70 -6.73
N GLU C 3 13.90 1.57 -6.10
CA GLU C 3 13.02 1.00 -5.09
C GLU C 3 12.89 1.92 -3.90
N LYS C 4 13.99 2.56 -3.51
CA LYS C 4 13.89 3.46 -2.36
C LYS C 4 12.99 4.63 -2.70
N LEU C 5 13.09 5.11 -3.94
CA LEU C 5 12.24 6.22 -4.36
C LEU C 5 10.77 5.81 -4.38
N ILE C 6 10.48 4.62 -4.89
CA ILE C 6 9.08 4.18 -4.92
C ILE C 6 8.53 4.11 -3.50
N ARG C 7 9.30 3.54 -2.56
CA ARG C 7 8.77 3.41 -1.19
C ARG C 7 8.57 4.79 -0.57
N GLU C 8 9.50 5.71 -0.81
CA GLU C 8 9.36 7.03 -0.24
C GLU C 8 8.13 7.74 -0.81
N LYS C 9 7.90 7.65 -2.13
CA LYS C 9 6.68 8.23 -2.67
C LYS C 9 5.44 7.50 -2.13
N ASP C 10 5.53 6.19 -1.96
CA ASP C 10 4.41 5.45 -1.38
C ASP C 10 4.12 5.92 0.03
N GLU C 11 5.17 6.17 0.82
CA GLU C 11 4.94 6.63 2.19
C GLU C 11 4.20 7.96 2.20
N GLU C 12 4.54 8.84 1.27
CA GLU C 12 3.86 10.13 1.18
C GLU C 12 2.39 9.96 0.78
N LEU C 13 2.08 9.07 -0.18
CA LEU C 13 0.67 8.86 -0.54
C LEU C 13 -0.11 8.21 0.60
N ARG C 14 0.52 7.29 1.35
CA ARG C 14 -0.16 6.66 2.47
C ARG C 14 -0.51 7.69 3.52
N ARG C 15 0.41 8.65 3.76
CA ARG C 15 0.16 9.70 4.73
C ARG C 15 -0.98 10.58 4.26
N MET C 16 -1.06 10.85 2.96
CA MET C 16 -2.21 11.62 2.49
C MET C 16 -3.48 10.81 2.56
N GLN C 17 -3.42 9.53 2.19
CA GLN C 17 -4.61 8.70 2.26
C GLN C 17 -5.11 8.61 3.69
N GLU C 18 -4.18 8.43 4.62
CA GLU C 18 -4.57 8.37 6.02
C GLU C 18 -5.16 9.68 6.49
N MET C 19 -4.61 10.82 6.07
CA MET C 19 -5.28 12.05 6.53
C MET C 19 -6.66 12.22 5.87
N LEU C 20 -6.81 11.82 4.61
CA LEU C 20 -8.12 11.80 3.98
C LEU C 20 -9.14 10.96 4.76
N GLU C 21 -8.71 9.80 5.27
CA GLU C 21 -9.62 8.94 6.02
C GLU C 21 -10.05 9.59 7.32
N LYS C 22 -9.14 10.28 8.00
CA LYS C 22 -9.50 10.99 9.22
C LYS C 22 -10.50 12.10 8.95
N MET C 23 -10.39 12.80 7.82
CA MET C 23 -11.38 13.82 7.50
C MET C 23 -12.75 13.21 7.30
N GLN C 24 -12.84 12.14 6.49
CA GLN C 24 -14.15 11.57 6.26
C GLN C 24 -14.75 11.02 7.55
N ALA C 25 -13.94 10.34 8.38
CA ALA C 25 -14.48 9.85 9.65
C ALA C 25 -14.88 11.00 10.54
N GLN C 26 -14.07 12.05 10.57
CA GLN C 26 -14.32 13.20 11.40
C GLN C 26 -15.61 13.88 11.02
N MET C 27 -15.97 13.83 9.73
CA MET C 27 -17.22 14.44 9.33
C MET C 27 -18.39 13.51 9.65
N GLN C 28 -18.23 12.68 10.69
CA GLN C 28 -19.37 11.99 11.36
C GLN C 28 -19.35 12.22 12.86
N ASP D 1 12.64 -17.14 -3.48
CA ASP D 1 13.00 -17.79 -2.22
C ASP D 1 12.15 -17.22 -1.09
N THR D 2 12.74 -17.11 0.09
CA THR D 2 12.07 -16.37 1.16
C THR D 2 11.76 -14.96 0.70
N GLU D 3 12.63 -14.37 -0.14
CA GLU D 3 12.35 -13.03 -0.63
C GLU D 3 11.01 -12.99 -1.34
N LYS D 4 10.68 -14.05 -2.09
CA LYS D 4 9.41 -14.10 -2.82
C LYS D 4 8.21 -14.25 -1.87
N LEU D 5 8.35 -15.01 -0.78
CA LEU D 5 7.26 -15.15 0.18
C LEU D 5 6.93 -13.82 0.79
N ILE D 6 7.97 -13.06 1.16
CA ILE D 6 7.76 -11.77 1.77
C ILE D 6 7.03 -10.84 0.80
N ARG D 7 7.46 -10.83 -0.47
CA ARG D 7 6.84 -9.94 -1.45
C ARG D 7 5.40 -10.34 -1.71
N GLU D 8 5.14 -11.63 -1.85
CA GLU D 8 3.77 -12.00 -2.14
C GLU D 8 2.85 -11.68 -0.97
N LYS D 9 3.34 -11.86 0.26
CA LYS D 9 2.56 -11.48 1.43
C LYS D 9 2.32 -9.98 1.43
N ASP D 10 3.32 -9.19 1.08
CA ASP D 10 3.10 -7.76 1.04
C ASP D 10 1.97 -7.41 0.08
N GLU D 11 2.02 -7.98 -1.12
CA GLU D 11 1.04 -7.68 -2.14
C GLU D 11 -0.36 -8.12 -1.70
N GLU D 12 -0.45 -9.29 -1.09
CA GLU D 12 -1.76 -9.71 -0.61
C GLU D 12 -2.30 -8.77 0.45
N LEU D 13 -1.43 -8.30 1.35
CA LEU D 13 -1.92 -7.39 2.38
C LEU D 13 -2.41 -6.10 1.74
N ARG D 14 -1.78 -5.68 0.65
CA ARG D 14 -2.20 -4.47 -0.04
C ARG D 14 -3.58 -4.63 -0.64
N ARG D 15 -3.87 -5.80 -1.16
CA ARG D 15 -5.20 -6.01 -1.73
C ARG D 15 -6.26 -6.06 -0.63
N MET D 16 -5.90 -6.58 0.54
CA MET D 16 -6.89 -6.58 1.62
C MET D 16 -7.13 -5.16 2.05
N GLN D 17 -6.06 -4.37 2.09
CA GLN D 17 -6.19 -2.96 2.43
C GLN D 17 -7.11 -2.26 1.47
N GLU D 18 -6.89 -2.48 0.16
CA GLU D 18 -7.71 -1.85 -0.87
C GLU D 18 -9.17 -2.25 -0.74
N MET D 19 -9.42 -3.53 -0.38
CA MET D 19 -10.79 -3.96 -0.19
C MET D 19 -11.47 -3.25 0.97
N LEU D 20 -10.76 -3.12 2.09
CA LEU D 20 -11.31 -2.37 3.23
C LEU D 20 -11.52 -0.90 2.89
N GLU D 21 -10.61 -0.29 2.12
CA GLU D 21 -10.82 1.10 1.76
C GLU D 21 -12.03 1.28 0.86
N LYS D 22 -12.23 0.40 -0.12
CA LYS D 22 -13.46 0.50 -0.91
C LYS D 22 -14.70 0.26 -0.05
N MET D 23 -14.62 -0.68 0.90
CA MET D 23 -15.71 -0.86 1.86
C MET D 23 -15.97 0.43 2.64
N GLN D 24 -14.90 1.09 3.10
CA GLN D 24 -15.08 2.28 3.92
C GLN D 24 -15.74 3.39 3.13
N ALA D 25 -15.36 3.54 1.86
CA ALA D 25 -15.98 4.57 1.04
C ALA D 25 -17.47 4.33 0.91
N GLN D 26 -17.88 3.07 0.78
CA GLN D 26 -19.30 2.81 0.73
C GLN D 26 -19.96 3.08 2.08
N MET D 27 -19.23 2.87 3.19
CA MET D 27 -19.78 3.11 4.51
C MET D 27 -19.70 4.60 4.82
N GLN D 28 -20.06 5.43 3.84
CA GLN D 28 -19.67 6.82 3.87
C GLN D 28 -20.35 7.61 2.75
ZN ZN E . -12.59 14.69 -4.15
ZN ZN F . 0.53 2.85 -2.16
ZN ZN G . 3.58 -8.99 -8.08
ZN ZN H . -6.47 2.39 -14.53
C ACT I . -2.77 -1.94 -5.12
O ACT I . -1.53 -2.05 -5.18
OXT ACT I . -3.36 -0.84 -5.19
CH3 ACT I . -3.63 -3.25 -4.94
C ACT J . -1.43 3.84 -0.24
O ACT J . -0.68 2.86 -0.43
OXT ACT J . -1.38 4.98 -0.80
CH3 ACT J . -2.45 3.59 0.73
C ACT K . -6.57 4.91 -12.58
O ACT K . -7.17 3.83 -12.72
OXT ACT K . -5.52 5.22 -13.20
CH3 ACT K . -7.17 5.90 -11.54
ZN ZN L . -6.52 3.31 4.36
ZN ZN M . 4.19 -3.02 0.03
ZN ZN N . -9.65 0.76 18.95
C ACT O . 0.67 3.78 8.29
O ACT O . 1.68 3.72 9.01
OXT ACT O . 0.66 4.23 7.11
CH3 ACT O . -0.66 3.28 8.92
C ACT P . -7.45 -0.95 -8.35
O ACT P . -6.75 -1.80 -7.76
OXT ACT P . -8.41 -0.33 -7.84
CH3 ACT P . -7.14 -0.65 -9.83
#